data_6ZXZ
#
_entry.id   6ZXZ
#
_cell.length_a   62.412
_cell.length_b   75.267
_cell.length_c   52.981
_cell.angle_alpha   90.000
_cell.angle_beta   105.604
_cell.angle_gamma   90.000
#
_symmetry.space_group_name_H-M   'C 1 2 1'
#
loop_
_entity.id
_entity.type
_entity.pdbx_description
1 polymer "Sarcin-Ricin Loop RNA from Ecoli with a A2670-2'-OCF3 modification"
2 non-polymer 'POTASSIUM ION'
3 non-polymer 'SODIUM ION'
4 water water
#
_entity_poly.entity_id   1
_entity_poly.type   'polyribonucleotide'
_entity_poly.pdbx_seq_one_letter_code
;GCUCCUAGUACGAGAGGACCGG(QSQ)GUG
;
_entity_poly.pdbx_strand_id   A,B,C
#
loop_
_chem_comp.id
_chem_comp.type
_chem_comp.name
_chem_comp.formula
A RNA linking ADENOSINE-5'-MONOPHOSPHATE 'C10 H14 N5 O7 P'
C RNA linking CYTIDINE-5'-MONOPHOSPHATE 'C9 H14 N3 O8 P'
G RNA linking GUANOSINE-5'-MONOPHOSPHATE 'C10 H14 N5 O8 P'
K non-polymer 'POTASSIUM ION' 'K 1'
NA non-polymer 'SODIUM ION' 'Na 1'
QSQ RNA linking '[(2~{R},3~{R},4~{R},5~{R})-5-(6-aminopurin-9-yl)-3-oxidanyl-4-(trifluoromethyloxy)oxolan-2-yl]methyl dihydrogen phosphite' 'C11 H13 F3 N5 O6 P'
U RNA linking URIDINE-5'-MONOPHOSPHATE 'C9 H13 N2 O9 P'
#
# COMPACT_ATOMS: atom_id res chain seq x y z
C1' QSQ A 23 0.94 11.11 20.02
C2 QSQ A 23 -0.90 7.94 17.44
C2' QSQ A 23 1.72 11.84 18.92
C23 QSQ A 23 3.76 10.56 19.76
C3' QSQ A 23 1.55 13.29 19.33
C4 QSQ A 23 -0.83 9.83 18.79
C4' QSQ A 23 1.54 13.23 20.85
C5 QSQ A 23 -2.20 9.96 18.62
C5' QSQ A 23 0.79 14.34 21.54
C6 QSQ A 23 -2.88 9.03 17.82
C8 QSQ A 23 -1.50 11.57 19.89
F24 QSQ A 23 3.78 11.04 21.05
F25 QSQ A 23 5.05 10.51 19.32
F26 QSQ A 23 3.24 9.31 19.70
N1 QSQ A 23 -2.20 8.05 17.27
N3 QSQ A 23 -0.22 8.80 18.18
N6 QSQ A 23 -4.31 9.14 17.63
N7 QSQ A 23 -2.57 11.05 19.31
N9 QSQ A 23 -0.44 10.84 19.59
O2' QSQ A 23 3.10 11.45 18.90
O3' QSQ A 23 2.59 14.13 18.83
O4' QSQ A 23 0.90 11.96 21.15
O5' QSQ A 23 -0.49 14.55 20.97
OP1 QSQ A 23 -0.83 16.92 21.73
OP2 QSQ A 23 -2.83 15.48 20.83
P QSQ A 23 -1.53 15.58 21.60
C1' QSQ B 23 -5.47 -20.53 -1.93
C2 QSQ B 23 -5.59 -17.08 0.97
C2' QSQ B 23 -4.42 -21.35 -1.20
C23 QSQ B 23 -2.29 -20.31 -1.58
C3' QSQ B 23 -5.03 -22.74 -1.28
C4 QSQ B 23 -6.38 -18.94 -0.19
C4' QSQ B 23 -5.61 -22.74 -2.69
C5 QSQ B 23 -7.58 -18.79 0.47
C5' QSQ B 23 -6.71 -23.73 -2.96
C6 QSQ B 23 -7.74 -17.75 1.41
C8 QSQ B 23 -7.73 -20.49 -0.86
F24 QSQ B 23 -1.03 -20.76 -1.81
F25 QSQ B 23 -2.51 -19.20 -2.35
F26 QSQ B 23 -2.44 -20.02 -0.26
N1 QSQ B 23 -6.73 -16.93 1.62
N3 QSQ B 23 -5.40 -18.05 0.09
N6 QSQ B 23 -9.00 -17.59 2.12
N7 QSQ B 23 -8.39 -19.77 0.03
N9 QSQ B 23 -6.51 -20.00 -1.02
O2' QSQ B 23 -3.22 -21.31 -1.96
O3' QSQ B 23 -4.12 -23.79 -1.07
O4' QSQ B 23 -6.10 -21.38 -2.86
O5' QSQ B 23 -7.73 -23.67 -1.97
OP1 QSQ B 23 -8.86 -25.84 -2.53
OP2 QSQ B 23 -10.03 -24.03 -1.05
P QSQ B 23 -9.13 -24.38 -2.20
C1' QSQ C 23 6.97 6.33 -20.04
C2 QSQ C 23 4.22 8.17 -17.02
C2' QSQ C 23 6.09 6.71 -21.22
C23 QSQ C 23 4.08 5.53 -21.64
C3' QSQ C 23 7.13 7.24 -22.20
C4 QSQ C 23 6.19 7.88 -18.23
C4' QSQ C 23 8.28 6.27 -21.98
C5 QSQ C 23 6.74 8.93 -17.52
C5' QSQ C 23 9.66 6.78 -22.37
C6 QSQ C 23 5.98 9.58 -16.55
C8 QSQ C 23 8.22 8.18 -18.92
F24 QSQ C 23 3.57 6.39 -22.57
F25 QSQ C 23 3.68 5.92 -20.40
F26 QSQ C 23 3.61 4.26 -21.89
N1 QSQ C 23 4.74 9.18 -16.32
N3 QSQ C 23 4.92 7.54 -17.94
N6 QSQ C 23 6.55 10.68 -15.79
N7 QSQ C 23 8.00 9.08 -17.97
N9 QSQ C 23 7.13 7.44 -19.08
O2' QSQ C 23 5.47 5.53 -21.72
O3' QSQ C 23 6.69 7.29 -23.55
O4' QSQ C 23 8.25 6.00 -20.56
O5' QSQ C 23 10.06 7.87 -21.55
OP1 QSQ C 23 12.10 8.39 -22.94
OP2 QSQ C 23 11.66 9.59 -20.65
P QSQ C 23 11.58 8.34 -21.51
K K D . -9.47 9.10 20.39
K K E . -8.32 -0.33 18.13
NA NA F . -13.99 3.52 17.13
K K G . -11.50 -7.33 2.50
NA NA H . -11.21 4.51 -10.32
K K I . 10.47 11.86 -11.49
NA NA J . 7.67 14.82 -4.83
NA NA K . 5.33 8.37 6.63
#